data_6K2J
#
_entry.id   6K2J
#
_cell.length_a   65.310
_cell.length_b   65.310
_cell.length_c   274.240
_cell.angle_alpha   90.00
_cell.angle_beta   90.00
_cell.angle_gamma   120.00
#
_symmetry.space_group_name_H-M   'P 65'
#
loop_
_entity.id
_entity.type
_entity.pdbx_description
1 polymer 'UPF0335 protein CCNA_03428'
2 polymer '10A DNA_front'
3 polymer '10A DNA_reverse'
4 water water
#
loop_
_entity_poly.entity_id
_entity_poly.type
_entity_poly.pdbx_seq_one_letter_code
_entity_poly.pdbx_strand_id
1 'polypeptide(L)'
;MADDAIPHTDVLNSTAQGQLKSIIERVERLEVEKAEIMEQIKEVYAEAKGNGFDVKVLKKVVRIRKQDRAKRQEEDAILD
LYLSAIGEILEHHHHHH
;
A,B,C,D
2 'polydeoxyribonucleotide' (DC)(DC)(DG)(DA)(DA)(DA)(DA)(DA)(DA)(DA)(DA)(DA)(DA)(DC)(DG)(DC) E
3 'polydeoxyribonucleotide' (DG)(DC)(DG)(DT)(DT)(DT)(DT)(DT)(DT)(DT)(DT)(DT)(DT)(DC)(DG)(DG) F
#
# COMPACT_ATOMS: atom_id res chain seq x y z
N ASN A 13 31.60 -7.75 10.17
CA ASN A 13 31.26 -6.68 11.14
C ASN A 13 32.49 -5.77 11.29
N SER A 14 33.16 -5.54 10.17
CA SER A 14 34.41 -4.74 10.12
C SER A 14 34.67 -4.53 8.64
N THR A 15 34.69 -3.27 8.16
CA THR A 15 34.89 -2.82 6.75
C THR A 15 33.62 -2.99 5.89
N ALA A 16 32.56 -3.53 6.48
CA ALA A 16 31.22 -3.68 5.90
C ALA A 16 30.54 -2.48 6.51
N GLN A 17 30.84 -2.20 7.78
CA GLN A 17 30.24 -1.10 8.55
C GLN A 17 30.61 0.26 7.93
N GLY A 18 31.77 0.38 7.28
CA GLY A 18 32.07 1.63 6.58
C GLY A 18 31.13 1.78 5.39
N GLN A 19 30.82 0.67 4.73
CA GLN A 19 29.90 0.61 3.57
C GLN A 19 28.47 0.84 4.10
N LEU A 20 28.12 0.19 5.17
CA LEU A 20 26.82 0.48 5.78
C LEU A 20 26.61 1.97 5.90
N LYS A 21 27.63 2.69 6.36
CA LYS A 21 27.51 4.13 6.54
C LYS A 21 27.27 4.83 5.21
N SER A 22 27.96 4.41 4.16
CA SER A 22 27.71 4.99 2.85
C SER A 22 26.29 4.70 2.39
N ILE A 23 25.79 3.50 2.70
CA ILE A 23 24.43 3.13 2.36
C ILE A 23 23.43 4.07 3.03
N ILE A 24 23.48 4.16 4.36
CA ILE A 24 22.53 4.99 5.09
C ILE A 24 22.67 6.45 4.71
N GLU A 25 23.89 6.92 4.43
CA GLU A 25 24.05 8.32 4.06
C GLU A 25 23.46 8.60 2.68
N ARG A 26 23.67 7.70 1.73
CA ARG A 26 23.06 7.86 0.41
C ARG A 26 21.55 7.84 0.50
N VAL A 27 21.01 6.91 1.29
CA VAL A 27 19.55 6.84 1.45
C VAL A 27 19.04 8.14 2.04
N GLU A 28 19.72 8.65 3.07
CA GLU A 28 19.25 9.86 3.72
C GLU A 28 19.29 11.06 2.78
N ARG A 29 20.33 11.14 1.95
CA ARG A 29 20.36 12.22 0.96
C ARG A 29 19.21 12.09 -0.02
N LEU A 30 18.97 10.87 -0.52
CA LEU A 30 17.88 10.69 -1.47
C LEU A 30 16.54 11.06 -0.88
N GLU A 31 16.31 10.74 0.40
CA GLU A 31 15.04 11.10 1.02
C GLU A 31 14.94 12.60 1.29
N VAL A 32 16.07 13.26 1.56
CA VAL A 32 16.09 14.72 1.56
C VAL A 32 15.59 15.27 0.23
N GLU A 33 16.18 14.80 -0.87
CA GLU A 33 15.74 15.27 -2.19
C GLU A 33 14.26 14.98 -2.41
N LYS A 34 13.80 13.82 -1.97
CA LYS A 34 12.39 13.45 -2.12
C LYS A 34 11.49 14.42 -1.39
N ALA A 35 11.85 14.80 -0.16
CA ALA A 35 11.07 15.77 0.59
C ALA A 35 11.08 17.14 -0.07
N GLU A 36 12.22 17.53 -0.67
CA GLU A 36 12.26 18.78 -1.40
C GLU A 36 11.29 18.78 -2.57
N ILE A 37 11.21 17.66 -3.27
CA ILE A 37 10.28 17.55 -4.39
C ILE A 37 8.83 17.65 -3.88
N MET A 38 8.50 16.87 -2.86
CA MET A 38 7.15 16.92 -2.30
C MET A 38 6.79 18.33 -1.86
N GLU A 39 7.76 19.06 -1.33
CA GLU A 39 7.51 20.43 -0.91
C GLU A 39 7.20 21.31 -2.13
N GLN A 40 7.95 21.12 -3.22
CA GLN A 40 7.67 21.89 -4.43
C GLN A 40 6.28 21.61 -4.98
N ILE A 41 5.86 20.34 -4.96
CA ILE A 41 4.51 20.00 -5.41
C ILE A 41 3.47 20.72 -4.56
N LYS A 42 3.65 20.67 -3.23
CA LYS A 42 2.72 21.36 -2.34
C LYS A 42 2.69 22.87 -2.62
N GLU A 43 3.85 23.44 -2.94
CA GLU A 43 3.90 24.87 -3.28
C GLU A 43 3.09 25.15 -4.53
N VAL A 44 3.25 24.32 -5.56
CA VAL A 44 2.48 24.53 -6.79
C VAL A 44 0.99 24.47 -6.51
N TYR A 45 0.55 23.48 -5.73
CA TYR A 45 -0.88 23.39 -5.44
C TYR A 45 -1.38 24.58 -4.64
N ALA A 46 -0.58 25.06 -3.68
CA ALA A 46 -1.00 26.19 -2.86
C ALA A 46 -1.10 27.45 -3.71
N GLU A 47 -0.19 27.63 -4.65
CA GLU A 47 -0.26 28.75 -5.57
C GLU A 47 -1.49 28.63 -6.47
N ALA A 48 -1.81 27.41 -6.90
CA ALA A 48 -3.03 27.19 -7.67
C ALA A 48 -4.26 27.60 -6.88
N LYS A 49 -4.36 27.18 -5.62
CA LYS A 49 -5.47 27.60 -4.78
C LYS A 49 -5.52 29.11 -4.67
N GLY A 50 -4.36 29.74 -4.49
CA GLY A 50 -4.32 31.19 -4.45
C GLY A 50 -4.79 31.86 -5.72
N ASN A 51 -4.71 31.15 -6.86
CA ASN A 51 -5.23 31.67 -8.12
C ASN A 51 -6.67 31.23 -8.40
N GLY A 52 -7.38 30.73 -7.39
CA GLY A 52 -8.79 30.41 -7.50
C GLY A 52 -9.12 28.99 -7.90
N PHE A 53 -8.12 28.13 -8.10
CA PHE A 53 -8.34 26.74 -8.47
C PHE A 53 -8.74 25.92 -7.26
N ASP A 54 -9.40 24.80 -7.53
CA ASP A 54 -9.75 23.83 -6.51
C ASP A 54 -8.69 22.73 -6.51
N VAL A 55 -7.90 22.67 -5.43
CA VAL A 55 -6.78 21.74 -5.35
C VAL A 55 -7.26 20.30 -5.46
N LYS A 56 -8.41 19.99 -4.86
CA LYS A 56 -8.91 18.63 -4.91
C LYS A 56 -9.21 18.19 -6.34
N VAL A 57 -9.85 19.07 -7.12
CA VAL A 57 -10.12 18.75 -8.52
C VAL A 57 -8.81 18.62 -9.30
N LEU A 58 -7.86 19.53 -9.04
CA LEU A 58 -6.56 19.47 -9.71
C LEU A 58 -5.88 18.13 -9.47
N LYS A 59 -5.83 17.72 -8.19
CA LYS A 59 -5.22 16.45 -7.85
C LYS A 59 -5.95 15.29 -8.50
N LYS A 60 -7.28 15.37 -8.61
CA LYS A 60 -7.99 14.30 -9.31
C LYS A 60 -7.62 14.26 -10.78
N VAL A 61 -7.39 15.43 -11.40
CA VAL A 61 -6.98 15.45 -12.80
C VAL A 61 -5.62 14.76 -12.96
N VAL A 62 -4.66 15.14 -12.12
CA VAL A 62 -3.34 14.51 -12.15
C VAL A 62 -3.45 13.02 -11.90
N ARG A 63 -4.33 12.62 -10.98
CA ARG A 63 -4.49 11.22 -10.61
C ARG A 63 -5.03 10.41 -11.77
N ILE A 64 -6.04 10.93 -12.47
CA ILE A 64 -6.62 10.21 -13.60
C ILE A 64 -5.61 10.10 -14.74
N ARG A 65 -4.88 11.18 -15.03
CA ARG A 65 -3.87 11.10 -16.07
C ARG A 65 -2.82 10.05 -15.73
N LYS A 66 -2.43 9.99 -14.46
CA LYS A 66 -1.47 8.99 -14.02
C LYS A 66 -2.02 7.58 -14.18
N GLN A 67 -3.27 7.36 -13.81
CA GLN A 67 -3.88 6.04 -13.96
C GLN A 67 -3.96 5.64 -15.43
N ASP A 68 -4.28 6.59 -16.30
CA ASP A 68 -4.33 6.28 -17.73
C ASP A 68 -2.97 5.85 -18.25
N ARG A 69 -1.90 6.56 -17.86
CA ARG A 69 -0.57 6.13 -18.30
C ARG A 69 -0.24 4.75 -17.76
N ALA A 70 -0.58 4.48 -16.50
CA ALA A 70 -0.33 3.17 -15.92
C ALA A 70 -1.06 2.08 -16.69
N LYS A 71 -2.30 2.34 -17.07
CA LYS A 71 -3.06 1.37 -17.87
C LYS A 71 -2.40 1.15 -19.23
N ARG A 72 -1.95 2.23 -19.88
CA ARG A 72 -1.34 2.09 -21.19
C ARG A 72 -0.09 1.22 -21.12
N GLN A 73 0.73 1.40 -20.08
CA GLN A 73 1.88 0.51 -19.92
C GLN A 73 1.44 -0.90 -19.61
N GLU A 74 0.35 -1.05 -18.85
CA GLU A 74 -0.16 -2.37 -18.54
C GLU A 74 -0.59 -3.11 -19.80
N GLU A 75 -1.27 -2.42 -20.70
CA GLU A 75 -1.67 -3.01 -21.97
C GLU A 75 -0.46 -3.32 -22.85
N ASP A 76 0.57 -2.48 -22.78
CA ASP A 76 1.81 -2.85 -23.47
C ASP A 76 2.37 -4.14 -22.87
N ALA A 77 2.24 -4.30 -21.56
CA ALA A 77 2.73 -5.50 -20.88
C ALA A 77 1.93 -6.73 -21.28
N ILE A 78 0.61 -6.64 -21.33
CA ILE A 78 -0.18 -7.80 -21.77
C ILE A 78 0.15 -8.15 -23.22
N LEU A 79 0.33 -7.13 -24.06
CA LEU A 79 0.74 -7.40 -25.45
C LEU A 79 2.03 -8.20 -25.49
N ASP A 80 3.02 -7.78 -24.70
CA ASP A 80 4.29 -8.49 -24.66
C ASP A 80 4.11 -9.92 -24.14
N LEU A 81 3.22 -10.12 -23.16
CA LEU A 81 2.90 -11.46 -22.69
C LEU A 81 2.32 -12.33 -23.80
N TYR A 82 1.40 -11.76 -24.60
CA TYR A 82 0.82 -12.51 -25.71
C TYR A 82 1.89 -12.93 -26.70
N LEU A 83 2.73 -11.97 -27.11
CA LEU A 83 3.77 -12.29 -28.09
C LEU A 83 4.74 -13.33 -27.55
N SER A 84 5.06 -13.26 -26.26
CA SER A 84 5.94 -14.25 -25.64
C SER A 84 5.30 -15.63 -25.62
N ALA A 85 4.03 -15.71 -25.22
CA ALA A 85 3.36 -17.00 -25.17
C ALA A 85 3.29 -17.63 -26.55
N ILE A 86 2.99 -16.83 -27.57
CA ILE A 86 2.98 -17.34 -28.94
C ILE A 86 4.36 -17.85 -29.33
N GLY A 87 5.40 -17.05 -29.10
CA GLY A 87 6.74 -17.48 -29.43
C GLY A 87 7.14 -18.77 -28.72
N GLU A 88 6.72 -18.90 -27.47
CA GLU A 88 7.04 -20.13 -26.74
C GLU A 88 6.35 -21.31 -27.38
N ILE A 89 5.11 -21.14 -27.82
CA ILE A 89 4.42 -22.24 -28.48
C ILE A 89 5.08 -22.60 -29.81
N LEU A 90 5.50 -21.60 -30.58
CA LEU A 90 6.04 -21.86 -31.91
C LEU A 90 7.48 -22.36 -31.90
N GLU A 91 8.24 -22.09 -30.85
CA GLU A 91 9.64 -22.51 -30.86
CA GLU A 91 9.64 -22.51 -30.82
C GLU A 91 9.79 -23.99 -30.47
N HIS A 92 8.88 -24.52 -29.68
CA HIS A 92 9.02 -25.89 -29.17
C HIS A 92 7.83 -26.75 -29.55
N SER B 14 -6.71 30.75 -23.48
CA SER B 14 -7.04 31.75 -22.47
C SER B 14 -6.08 31.67 -21.30
N THR B 15 -6.14 32.67 -20.41
CA THR B 15 -5.22 32.69 -19.27
C THR B 15 -5.53 31.57 -18.28
N ALA B 16 -6.81 31.23 -18.09
CA ALA B 16 -7.12 30.16 -17.15
C ALA B 16 -6.71 28.79 -17.72
N GLN B 17 -6.86 28.60 -19.03
CA GLN B 17 -6.38 27.37 -19.63
C GLN B 17 -4.87 27.27 -19.53
N GLY B 18 -4.16 28.37 -19.77
CA GLY B 18 -2.71 28.36 -19.64
C GLY B 18 -2.25 28.11 -18.22
N GLN B 19 -2.93 28.71 -17.24
CA GLN B 19 -2.58 28.47 -15.85
C GLN B 19 -2.80 27.00 -15.50
N LEU B 20 -3.93 26.45 -15.91
CA LEU B 20 -4.20 25.03 -15.69
C LEU B 20 -3.10 24.16 -16.27
N LYS B 21 -2.71 24.46 -17.51
CA LYS B 21 -1.70 23.65 -18.18
C LYS B 21 -0.36 23.72 -17.46
N SER B 22 0.03 24.92 -17.02
CA SER B 22 1.29 25.05 -16.31
C SER B 22 1.25 24.32 -14.97
N ILE B 23 0.11 24.36 -14.28
CA ILE B 23 -0.05 23.65 -13.01
C ILE B 23 0.15 22.15 -13.21
N ILE B 24 -0.66 21.56 -14.10
CA ILE B 24 -0.59 20.12 -14.33
C ILE B 24 0.81 19.73 -14.81
N GLU B 25 1.43 20.58 -15.61
CA GLU B 25 2.73 20.26 -16.18
C GLU B 25 3.82 20.26 -15.11
N ARG B 26 3.83 21.29 -14.25
CA ARG B 26 4.83 21.35 -13.19
C ARG B 26 4.64 20.22 -12.18
N VAL B 27 3.40 19.95 -11.77
CA VAL B 27 3.17 18.85 -10.83
C VAL B 27 3.62 17.53 -11.43
N GLU B 28 3.30 17.29 -12.70
CA GLU B 28 3.66 16.01 -13.28
C GLU B 28 5.18 15.86 -13.43
N ARG B 29 5.88 16.95 -13.78
CA ARG B 29 7.33 16.87 -13.82
C ARG B 29 7.93 16.62 -12.43
N LEU B 30 7.44 17.32 -11.42
CA LEU B 30 7.96 17.10 -10.07
C LEU B 30 7.72 15.66 -9.63
N GLU B 31 6.58 15.08 -10.01
CA GLU B 31 6.30 13.69 -9.64
C GLU B 31 7.16 12.71 -10.41
N VAL B 32 7.51 13.06 -11.66
CA VAL B 32 8.55 12.29 -12.34
C VAL B 32 9.82 12.28 -11.50
N GLU B 33 10.31 13.45 -11.12
CA GLU B 33 11.53 13.53 -10.32
C GLU B 33 11.41 12.72 -9.02
N LYS B 34 10.26 12.81 -8.37
CA LYS B 34 10.05 12.05 -7.14
C LYS B 34 10.14 10.55 -7.40
N ALA B 35 9.53 10.09 -8.50
CA ALA B 35 9.61 8.66 -8.82
C ALA B 35 11.05 8.25 -9.11
N GLU B 36 11.83 9.12 -9.75
CA GLU B 36 13.24 8.84 -9.97
C GLU B 36 13.99 8.69 -8.65
N ILE B 37 13.66 9.54 -7.68
CA ILE B 37 14.31 9.46 -6.37
C ILE B 37 13.95 8.15 -5.68
N MET B 38 12.65 7.82 -5.63
CA MET B 38 12.23 6.57 -5.02
C MET B 38 12.90 5.37 -5.68
N GLU B 39 13.08 5.42 -7.00
CA GLU B 39 13.72 4.32 -7.70
C GLU B 39 15.20 4.22 -7.32
N GLN B 40 15.88 5.36 -7.22
CA GLN B 40 17.28 5.34 -6.78
C GLN B 40 17.39 4.79 -5.36
N ILE B 41 16.44 5.12 -4.49
CA ILE B 41 16.46 4.56 -3.14
C ILE B 41 16.39 3.05 -3.21
N LYS B 42 15.49 2.53 -4.05
CA LYS B 42 15.44 1.10 -4.25
C LYS B 42 16.75 0.55 -4.79
N GLU B 43 17.46 1.33 -5.61
CA GLU B 43 18.77 0.90 -6.07
C GLU B 43 19.73 0.72 -4.90
N VAL B 44 19.78 1.70 -4.00
CA VAL B 44 20.67 1.59 -2.84
C VAL B 44 20.31 0.37 -2.00
N TYR B 45 19.00 0.15 -1.77
CA TYR B 45 18.60 -1.02 -0.99
C TYR B 45 18.98 -2.32 -1.69
N ALA B 46 18.87 -2.35 -3.02
CA ALA B 46 19.22 -3.57 -3.76
C ALA B 46 20.72 -3.84 -3.69
N GLU B 47 21.54 -2.79 -3.74
CA GLU B 47 22.98 -2.98 -3.61
C GLU B 47 23.35 -3.41 -2.20
N ALA B 48 22.71 -2.83 -1.19
CA ALA B 48 22.93 -3.25 0.19
C ALA B 48 22.61 -4.73 0.37
N LYS B 49 21.47 -5.17 -0.17
CA LYS B 49 21.12 -6.59 -0.15
C LYS B 49 22.19 -7.41 -0.88
N GLY B 50 22.66 -6.93 -2.03
CA GLY B 50 23.72 -7.59 -2.77
C GLY B 50 25.04 -7.70 -2.01
N ASN B 51 25.28 -6.82 -1.04
CA ASN B 51 26.46 -6.94 -0.21
C ASN B 51 26.19 -7.69 1.09
N GLY B 52 25.05 -8.38 1.20
CA GLY B 52 24.77 -9.20 2.36
C GLY B 52 24.01 -8.54 3.48
N PHE B 53 23.57 -7.29 3.31
CA PHE B 53 22.85 -6.59 4.36
C PHE B 53 21.40 -7.05 4.44
N ASP B 54 20.79 -6.83 5.62
CA ASP B 54 19.39 -7.11 5.84
C ASP B 54 18.60 -5.84 5.56
N VAL B 55 17.87 -5.84 4.44
CA VAL B 55 17.17 -4.63 4.01
C VAL B 55 16.10 -4.23 5.01
N LYS B 56 15.41 -5.20 5.60
CA LYS B 56 14.31 -4.88 6.51
C LYS B 56 14.81 -4.14 7.74
N VAL B 57 15.88 -4.65 8.37
CA VAL B 57 16.46 -3.96 9.52
C VAL B 57 17.03 -2.61 9.08
N LEU B 58 17.58 -2.54 7.87
CA LEU B 58 18.07 -1.26 7.36
C LEU B 58 16.96 -0.23 7.34
N LYS B 59 15.80 -0.60 6.79
CA LYS B 59 14.67 0.31 6.74
C LYS B 59 14.22 0.69 8.14
N LYS B 60 14.26 -0.26 9.08
CA LYS B 60 13.92 0.08 10.46
C LYS B 60 14.90 1.08 11.04
N VAL B 61 16.18 0.93 10.71
CA VAL B 61 17.20 1.86 11.18
C VAL B 61 16.96 3.25 10.62
N VAL B 62 16.70 3.35 9.32
CA VAL B 62 16.40 4.64 8.70
C VAL B 62 15.21 5.28 9.39
N ARG B 63 14.18 4.50 9.69
CA ARG B 63 13.02 5.07 10.37
C ARG B 63 13.38 5.57 11.76
N ILE B 64 14.18 4.80 12.51
CA ILE B 64 14.55 5.20 13.86
C ILE B 64 15.39 6.46 13.85
N ARG B 65 16.38 6.52 12.96
CA ARG B 65 17.20 7.72 12.84
C ARG B 65 16.36 8.92 12.46
N LYS B 66 15.37 8.71 11.60
CA LYS B 66 14.46 9.80 11.23
C LYS B 66 13.71 10.32 12.44
N GLN B 67 13.21 9.40 13.28
CA GLN B 67 12.46 9.81 14.46
C GLN B 67 13.33 10.54 15.47
N ASP B 68 14.55 10.04 15.70
CA ASP B 68 15.47 10.73 16.60
C ASP B 68 15.82 12.11 16.07
N ARG B 69 16.01 12.22 14.75
CA ARG B 69 16.30 13.52 14.14
C ARG B 69 15.15 14.49 14.40
N ALA B 70 13.91 14.03 14.26
CA ALA B 70 12.77 14.90 14.56
C ALA B 70 12.81 15.38 16.02
N LYS B 71 13.12 14.48 16.96
CA LYS B 71 13.22 14.91 18.35
C LYS B 71 14.30 15.98 18.52
N ARG B 72 15.45 15.78 17.89
CA ARG B 72 16.54 16.74 18.00
C ARG B 72 16.12 18.11 17.45
N GLN B 73 15.36 18.13 16.34
CA GLN B 73 14.91 19.42 15.82
C GLN B 73 13.94 20.12 16.76
N GLU B 74 13.05 19.36 17.41
CA GLU B 74 12.19 19.99 18.42
C GLU B 74 13.04 20.58 19.55
N GLU B 75 14.04 19.82 19.99
CA GLU B 75 14.92 20.30 21.06
C GLU B 75 15.67 21.55 20.64
N ASP B 76 16.09 21.62 19.37
CA ASP B 76 16.79 22.80 18.87
C ASP B 76 15.89 24.02 18.79
N ALA B 77 14.61 23.84 18.45
CA ALA B 77 13.71 24.98 18.41
C ALA B 77 13.49 25.54 19.80
N ILE B 78 13.24 24.65 20.78
CA ILE B 78 13.08 25.12 22.16
C ILE B 78 14.37 25.76 22.65
N LEU B 79 15.51 25.14 22.32
CA LEU B 79 16.81 25.72 22.67
C LEU B 79 16.93 27.13 22.16
N ASP B 80 16.53 27.36 20.90
CA ASP B 80 16.58 28.70 20.35
C ASP B 80 15.69 29.65 21.13
N LEU B 81 14.55 29.17 21.66
CA LEU B 81 13.75 30.03 22.53
C LEU B 81 14.56 30.48 23.75
N TYR B 82 15.27 29.56 24.38
CA TYR B 82 16.10 29.94 25.52
C TYR B 82 17.17 30.95 25.11
N LEU B 83 17.82 30.69 23.97
CA LEU B 83 18.86 31.61 23.48
C LEU B 83 18.28 32.98 23.19
N SER B 84 17.04 33.04 22.72
CA SER B 84 16.41 34.33 22.45
C SER B 84 16.20 35.11 23.74
N ALA B 85 15.65 34.46 24.76
CA ALA B 85 15.44 35.15 26.02
C ALA B 85 16.76 35.65 26.60
N ILE B 86 17.82 34.82 26.51
CA ILE B 86 19.13 35.25 26.96
C ILE B 86 19.58 36.47 26.16
N GLY B 87 19.39 36.46 24.84
CA GLY B 87 19.80 37.60 24.03
C GLY B 87 19.16 38.90 24.48
N GLU B 88 17.87 38.85 24.83
CA GLU B 88 17.23 40.05 25.35
C GLU B 88 17.82 40.47 26.69
N ILE B 89 18.10 39.49 27.57
CA ILE B 89 18.70 39.83 28.86
C ILE B 89 20.05 40.50 28.65
N LEU B 90 20.80 40.08 27.63
CA LEU B 90 22.12 40.64 27.39
C LEU B 90 22.03 42.08 26.89
N GLU B 91 21.20 42.31 25.86
CA GLU B 91 21.08 43.67 25.36
C GLU B 91 20.59 44.62 26.44
N HIS B 92 19.73 44.15 27.33
CA HIS B 92 19.29 45.02 28.42
C HIS B 92 20.39 45.24 29.45
N HIS B 93 21.23 44.22 29.69
CA HIS B 93 22.31 44.36 30.63
C HIS B 93 23.35 45.38 30.17
N HIS B 94 23.69 45.37 28.88
CA HIS B 94 24.83 46.16 28.42
C HIS B 94 24.53 47.66 28.47
N HIS B 95 23.45 48.08 27.81
CA HIS B 95 23.13 49.50 27.72
C HIS B 95 22.86 50.10 29.10
N HIS B 96 21.77 49.70 29.74
CA HIS B 96 21.42 50.21 31.06
C HIS B 96 21.72 49.20 32.16
N ASN C 13 -11.35 -1.87 30.30
CA ASN C 13 -11.83 -1.86 31.68
C ASN C 13 -12.66 -3.10 32.00
N SER C 14 -13.98 -2.99 31.88
CA SER C 14 -14.87 -4.05 32.34
C SER C 14 -16.05 -4.29 31.39
N THR C 15 -16.95 -3.30 31.30
CA THR C 15 -18.11 -3.43 30.43
C THR C 15 -17.69 -3.50 28.97
N ALA C 16 -16.57 -2.87 28.63
CA ALA C 16 -16.04 -2.90 27.27
C ALA C 16 -15.56 -4.28 26.86
N GLN C 17 -15.25 -5.14 27.83
CA GLN C 17 -14.74 -6.48 27.52
C GLN C 17 -15.73 -7.28 26.68
N GLY C 18 -17.03 -7.19 26.99
CA GLY C 18 -18.01 -7.89 26.19
C GLY C 18 -18.02 -7.42 24.75
N GLN C 19 -17.91 -6.11 24.54
CA GLN C 19 -17.83 -5.57 23.18
C GLN C 19 -16.54 -5.99 22.48
N LEU C 20 -15.41 -5.94 23.19
CA LEU C 20 -14.12 -6.30 22.61
C LEU C 20 -14.13 -7.67 21.96
N LYS C 21 -14.57 -8.69 22.69
CA LYS C 21 -14.58 -10.04 22.15
C LYS C 21 -15.54 -10.18 20.98
N SER C 22 -16.70 -9.52 21.04
CA SER C 22 -17.62 -9.58 19.91
C SER C 22 -16.97 -9.00 18.66
N ILE C 23 -16.25 -7.89 18.81
CA ILE C 23 -15.54 -7.28 17.68
C ILE C 23 -14.48 -8.23 17.13
N ILE C 24 -13.56 -8.68 18.00
CA ILE C 24 -12.46 -9.54 17.54
C ILE C 24 -13.00 -10.82 16.92
N GLU C 25 -14.08 -11.35 17.49
CA GLU C 25 -14.62 -12.61 16.98
C GLU C 25 -15.28 -12.43 15.62
N ARG C 26 -16.04 -11.36 15.45
CA ARG C 26 -16.65 -11.10 14.15
C ARG C 26 -15.58 -10.84 13.10
N VAL C 27 -14.58 -10.04 13.43
CA VAL C 27 -13.48 -9.76 12.50
C VAL C 27 -12.76 -11.06 12.14
N GLU C 28 -12.49 -11.90 13.13
CA GLU C 28 -11.74 -13.13 12.87
C GLU C 28 -12.53 -14.10 12.02
N ARG C 29 -13.85 -14.18 12.22
CA ARG C 29 -14.66 -14.99 11.32
C ARG C 29 -14.62 -14.44 9.91
N LEU C 30 -14.71 -13.11 9.77
CA LEU C 30 -14.62 -12.48 8.45
C LEU C 30 -13.27 -12.75 7.80
N GLU C 31 -12.20 -12.82 8.60
CA GLU C 31 -10.89 -13.12 8.05
C GLU C 31 -10.82 -14.58 7.63
N VAL C 32 -11.49 -15.47 8.35
CA VAL C 32 -11.66 -16.85 7.89
C VAL C 32 -12.31 -16.87 6.51
N GLU C 33 -13.46 -16.20 6.37
CA GLU C 33 -14.14 -16.19 5.08
C GLU C 33 -13.26 -15.62 3.98
N LYS C 34 -12.53 -14.54 4.27
CA LYS C 34 -11.68 -13.94 3.24
C LYS C 34 -10.58 -14.91 2.82
N ALA C 35 -9.99 -15.63 3.78
CA ALA C 35 -8.96 -16.62 3.44
C ALA C 35 -9.54 -17.76 2.61
N GLU C 36 -10.78 -18.18 2.90
CA GLU C 36 -11.44 -19.19 2.08
C GLU C 36 -11.63 -18.69 0.66
N ILE C 37 -11.96 -17.39 0.51
CA ILE C 37 -12.10 -16.82 -0.84
C ILE C 37 -10.77 -16.86 -1.58
N MET C 38 -9.70 -16.40 -0.92
CA MET C 38 -8.39 -16.46 -1.54
C MET C 38 -8.04 -17.89 -1.97
N GLU C 39 -8.46 -18.87 -1.18
CA GLU C 39 -8.20 -20.26 -1.55
C GLU C 39 -8.99 -20.65 -2.80
N GLN C 40 -10.27 -20.26 -2.87
CA GLN C 40 -11.06 -20.58 -4.06
C GLN C 40 -10.50 -19.93 -5.31
N ILE C 41 -10.01 -18.69 -5.20
CA ILE C 41 -9.40 -18.03 -6.35
C ILE C 41 -8.18 -18.82 -6.82
N LYS C 42 -7.31 -19.21 -5.87
CA LYS C 42 -6.17 -20.04 -6.23
C LYS C 42 -6.60 -21.35 -6.88
N GLU C 43 -7.72 -21.93 -6.41
CA GLU C 43 -8.21 -23.17 -7.01
C GLU C 43 -8.61 -22.96 -8.47
N VAL C 44 -9.33 -21.88 -8.76
CA VAL C 44 -9.73 -21.60 -10.13
C VAL C 44 -8.50 -21.44 -11.02
N TYR C 45 -7.51 -20.70 -10.54
CA TYR C 45 -6.30 -20.51 -11.34
C TYR C 45 -5.55 -21.82 -11.54
N ALA C 46 -5.51 -22.67 -10.50
CA ALA C 46 -4.79 -23.95 -10.62
C ALA C 46 -5.49 -24.90 -11.58
N GLU C 47 -6.82 -24.91 -11.57
CA GLU C 47 -7.54 -25.76 -12.51
C GLU C 47 -7.37 -25.28 -13.94
N ALA C 48 -7.41 -23.95 -14.15
CA ALA C 48 -7.10 -23.41 -15.47
C ALA C 48 -5.70 -23.79 -15.90
N LYS C 49 -4.72 -23.69 -15.00
CA LYS C 49 -3.36 -24.12 -15.29
C LYS C 49 -3.32 -25.57 -15.71
N GLY C 50 -4.07 -26.43 -15.00
CA GLY C 50 -4.18 -27.82 -15.41
C GLY C 50 -4.82 -28.00 -16.76
N ASN C 51 -5.60 -27.03 -17.21
CA ASN C 51 -6.17 -27.05 -18.56
C ASN C 51 -5.32 -26.31 -19.59
N GLY C 52 -4.07 -26.00 -19.28
CA GLY C 52 -3.18 -25.45 -20.28
C GLY C 52 -3.13 -23.94 -20.36
N PHE C 53 -3.87 -23.24 -19.50
CA PHE C 53 -3.85 -21.78 -19.52
C PHE C 53 -2.60 -21.26 -18.80
N ASP C 54 -2.22 -20.04 -19.15
CA ASP C 54 -1.10 -19.36 -18.53
C ASP C 54 -1.68 -18.50 -17.40
N VAL C 55 -1.38 -18.89 -16.16
CA VAL C 55 -1.98 -18.22 -14.99
C VAL C 55 -1.57 -16.76 -14.93
N LYS C 56 -0.31 -16.47 -15.27
CA LYS C 56 0.17 -15.09 -15.20
C LYS C 56 -0.59 -14.21 -16.17
N VAL C 57 -0.82 -14.68 -17.39
CA VAL C 57 -1.58 -13.91 -18.35
C VAL C 57 -3.01 -13.72 -17.87
N LEU C 58 -3.61 -14.78 -17.32
CA LEU C 58 -4.97 -14.69 -16.81
C LEU C 58 -5.07 -13.61 -15.74
N LYS C 59 -4.14 -13.62 -14.79
CA LYS C 59 -4.13 -12.62 -13.74
C LYS C 59 -3.96 -11.23 -14.32
N LYS C 60 -3.17 -11.10 -15.38
CA LYS C 60 -3.00 -9.79 -16.02
C LYS C 60 -4.31 -9.31 -16.65
N VAL C 61 -5.07 -10.24 -17.26
CA VAL C 61 -6.35 -9.87 -17.86
C VAL C 61 -7.33 -9.41 -16.79
N VAL C 62 -7.44 -10.17 -15.70
CA VAL C 62 -8.32 -9.76 -14.61
C VAL C 62 -7.90 -8.39 -14.08
N ARG C 63 -6.59 -8.19 -13.92
CA ARG C 63 -6.06 -6.94 -13.38
C ARG C 63 -6.36 -5.76 -14.30
N ILE C 64 -6.22 -5.94 -15.61
CA ILE C 64 -6.51 -4.87 -16.54
C ILE C 64 -7.99 -4.51 -16.51
N ARG C 65 -8.85 -5.53 -16.50
CA ARG C 65 -10.29 -5.26 -16.43
C ARG C 65 -10.65 -4.50 -15.16
N LYS C 66 -10.03 -4.87 -14.04
CA LYS C 66 -10.28 -4.13 -12.81
C LYS C 66 -9.78 -2.70 -12.91
N GLN C 67 -8.62 -2.49 -13.55
CA GLN C 67 -8.15 -1.11 -13.72
C GLN C 67 -9.12 -0.31 -14.58
N ASP C 68 -9.72 -0.93 -15.59
CA ASP C 68 -10.73 -0.21 -16.37
C ASP C 68 -11.91 0.21 -15.50
N ARG C 69 -12.41 -0.71 -14.66
CA ARG C 69 -13.52 -0.33 -13.80
C ARG C 69 -13.12 0.81 -12.85
N ALA C 70 -11.91 0.74 -12.29
CA ALA C 70 -11.44 1.82 -11.44
C ALA C 70 -11.35 3.15 -12.19
N LYS C 71 -10.85 3.11 -13.44
CA LYS C 71 -10.76 4.34 -14.22
C LYS C 71 -12.13 4.94 -14.47
N ARG C 72 -13.11 4.10 -14.82
CA ARG C 72 -14.46 4.63 -15.06
C ARG C 72 -15.04 5.22 -13.78
N GLN C 73 -14.74 4.59 -12.64
CA GLN C 73 -15.22 5.11 -11.37
C GLN C 73 -14.60 6.47 -11.09
N GLU C 74 -13.31 6.61 -11.41
CA GLU C 74 -12.62 7.90 -11.26
C GLU C 74 -13.20 8.96 -12.18
N GLU C 75 -13.53 8.59 -13.42
CA GLU C 75 -14.13 9.57 -14.32
C GLU C 75 -15.47 10.03 -13.80
N ASP C 76 -16.26 9.11 -13.24
CA ASP C 76 -17.53 9.52 -12.67
C ASP C 76 -17.33 10.42 -11.47
N ALA C 77 -16.29 10.15 -10.67
CA ALA C 77 -16.03 10.97 -9.49
C ALA C 77 -15.60 12.38 -9.88
N ILE C 78 -14.67 12.50 -10.83
CA ILE C 78 -14.27 13.84 -11.26
C ILE C 78 -15.44 14.57 -11.91
N LEU C 79 -16.26 13.85 -12.68
CA LEU C 79 -17.47 14.47 -13.23
C LEU C 79 -18.33 15.08 -12.12
N ASP C 80 -18.54 14.32 -11.04
CA ASP C 80 -19.30 14.85 -9.92
C ASP C 80 -18.62 16.06 -9.30
N LEU C 81 -17.28 16.05 -9.22
CA LEU C 81 -16.58 17.23 -8.74
C LEU C 81 -16.84 18.44 -9.63
N TYR C 82 -16.81 18.26 -10.94
CA TYR C 82 -17.11 19.37 -11.85
C TYR C 82 -18.49 19.93 -11.57
N LEU C 83 -19.48 19.04 -11.47
CA LEU C 83 -20.85 19.47 -11.26
C LEU C 83 -21.01 20.20 -9.94
N SER C 84 -20.39 19.68 -8.87
CA SER C 84 -20.48 20.30 -7.56
C SER C 84 -19.80 21.66 -7.56
N ALA C 85 -18.62 21.76 -8.17
CA ALA C 85 -17.91 23.03 -8.22
C ALA C 85 -18.73 24.08 -8.97
N ILE C 86 -19.37 23.67 -10.05
CA ILE C 86 -20.27 24.57 -10.77
C ILE C 86 -21.39 25.02 -9.85
N GLY C 87 -22.01 24.09 -9.12
CA GLY C 87 -23.04 24.47 -8.17
C GLY C 87 -22.55 25.43 -7.10
N GLU C 88 -21.31 25.24 -6.65
CA GLU C 88 -20.72 26.13 -5.64
C GLU C 88 -20.53 27.54 -6.19
N ILE C 89 -20.01 27.66 -7.40
CA ILE C 89 -19.78 28.98 -7.97
C ILE C 89 -21.10 29.71 -8.22
N LEU C 90 -22.13 28.98 -8.64
CA LEU C 90 -23.40 29.63 -8.95
C LEU C 90 -24.20 29.96 -7.70
N GLU C 91 -24.23 29.06 -6.72
CA GLU C 91 -25.02 29.29 -5.52
C GLU C 91 -24.40 30.29 -4.57
N HIS C 92 -23.16 30.74 -4.84
CA HIS C 92 -22.52 31.76 -4.03
C HIS C 92 -22.22 33.01 -4.83
N HIS C 93 -22.96 33.23 -5.91
CA HIS C 93 -23.17 34.59 -6.39
C HIS C 93 -24.32 35.27 -5.66
N HIS C 94 -25.28 34.50 -5.14
CA HIS C 94 -26.28 35.06 -4.24
C HIS C 94 -26.14 34.44 -2.85
N SER D 14 -15.06 -21.70 -29.85
CA SER D 14 -14.58 -23.00 -29.41
C SER D 14 -14.75 -23.15 -27.91
N THR D 15 -14.41 -24.35 -27.41
CA THR D 15 -14.55 -24.61 -25.98
C THR D 15 -13.56 -23.80 -25.16
N ALA D 16 -12.37 -23.50 -25.73
CA ALA D 16 -11.39 -22.74 -24.98
C ALA D 16 -11.84 -21.30 -24.74
N GLN D 17 -12.64 -20.74 -25.65
CA GLN D 17 -13.17 -19.41 -25.42
C GLN D 17 -14.13 -19.40 -24.24
N GLY D 18 -15.02 -20.41 -24.19
CA GLY D 18 -15.94 -20.52 -23.07
C GLY D 18 -15.24 -20.78 -21.75
N GLN D 19 -14.20 -21.61 -21.77
CA GLN D 19 -13.43 -21.82 -20.55
C GLN D 19 -12.78 -20.52 -20.10
N LEU D 20 -12.19 -19.77 -21.04
CA LEU D 20 -11.63 -18.47 -20.70
C LEU D 20 -12.67 -17.58 -20.02
N LYS D 21 -13.86 -17.50 -20.62
CA LYS D 21 -14.90 -16.63 -20.07
C LYS D 21 -15.36 -17.07 -18.69
N SER D 22 -15.58 -18.38 -18.50
CA SER D 22 -16.01 -18.84 -17.19
C SER D 22 -14.93 -18.60 -16.14
N ILE D 23 -13.66 -18.76 -16.54
CA ILE D 23 -12.55 -18.49 -15.63
C ILE D 23 -12.58 -17.04 -15.19
N ILE D 24 -12.59 -16.10 -16.16
CA ILE D 24 -12.55 -14.69 -15.82
C ILE D 24 -13.76 -14.31 -14.97
N GLU D 25 -14.93 -14.87 -15.28
CA GLU D 25 -16.14 -14.50 -14.56
C GLU D 25 -16.15 -15.06 -13.14
N ARG D 26 -15.68 -16.31 -12.97
CA ARG D 26 -15.58 -16.87 -11.64
C ARG D 26 -14.59 -16.11 -10.78
N VAL D 27 -13.43 -15.76 -11.34
CA VAL D 27 -12.46 -14.99 -10.57
C VAL D 27 -13.02 -13.62 -10.22
N GLU D 28 -13.68 -12.96 -11.17
CA GLU D 28 -14.20 -11.62 -10.91
C GLU D 28 -15.32 -11.65 -9.89
N ARG D 29 -16.12 -12.73 -9.93
CA ARG D 29 -17.23 -12.92 -8.97
C ARG D 29 -16.63 -13.13 -7.57
N LEU D 30 -15.57 -13.94 -7.48
CA LEU D 30 -14.90 -14.21 -6.20
C LEU D 30 -14.24 -12.95 -5.65
N GLU D 31 -13.67 -12.11 -6.52
CA GLU D 31 -13.03 -10.88 -6.05
C GLU D 31 -14.06 -9.84 -5.62
N VAL D 32 -15.23 -9.84 -6.26
CA VAL D 32 -16.36 -9.06 -5.74
C VAL D 32 -16.65 -9.47 -4.31
N GLU D 33 -16.85 -10.78 -4.09
CA GLU D 33 -17.13 -11.28 -2.76
C GLU D 33 -16.04 -10.86 -1.77
N LYS D 34 -14.79 -10.96 -2.21
CA LYS D 34 -13.64 -10.63 -1.37
C LYS D 34 -13.65 -9.16 -0.97
N ALA D 35 -13.94 -8.27 -1.92
CA ALA D 35 -14.02 -6.86 -1.60
C ALA D 35 -15.17 -6.55 -0.65
N GLU D 36 -16.30 -7.24 -0.83
CA GLU D 36 -17.41 -7.05 0.12
C GLU D 36 -17.02 -7.47 1.53
N ILE D 37 -16.26 -8.56 1.65
CA ILE D 37 -15.81 -9.01 2.97
C ILE D 37 -14.87 -7.98 3.58
N MET D 38 -13.87 -7.52 2.81
CA MET D 38 -12.97 -6.48 3.31
C MET D 38 -13.75 -5.25 3.75
N GLU D 39 -14.84 -4.93 3.05
CA GLU D 39 -15.68 -3.82 3.45
C GLU D 39 -16.35 -4.10 4.79
N GLN D 40 -16.85 -5.33 4.99
CA GLN D 40 -17.47 -5.65 6.28
C GLN D 40 -16.47 -5.53 7.41
N ILE D 41 -15.22 -5.96 7.19
CA ILE D 41 -14.20 -5.81 8.22
C ILE D 41 -13.95 -4.33 8.52
N LYS D 42 -13.77 -3.53 7.48
CA LYS D 42 -13.53 -2.10 7.68
C LYS D 42 -14.67 -1.43 8.44
N GLU D 43 -15.91 -1.79 8.11
CA GLU D 43 -17.06 -1.21 8.79
C GLU D 43 -17.07 -1.61 10.27
N VAL D 44 -16.83 -2.89 10.55
CA VAL D 44 -16.80 -3.34 11.94
C VAL D 44 -15.75 -2.56 12.72
N TYR D 45 -14.56 -2.37 12.14
CA TYR D 45 -13.55 -1.58 12.83
C TYR D 45 -14.02 -0.14 13.01
N ALA D 46 -14.74 0.40 12.04
CA ALA D 46 -15.19 1.79 12.15
C ALA D 46 -16.20 1.97 13.27
N GLU D 47 -17.14 1.03 13.41
CA GLU D 47 -18.10 1.14 14.51
C GLU D 47 -17.43 0.88 15.85
N ALA D 48 -16.49 -0.07 15.90
CA ALA D 48 -15.73 -0.29 17.13
C ALA D 48 -15.00 0.96 17.55
N LYS D 49 -14.34 1.63 16.61
CA LYS D 49 -13.72 2.92 16.88
C LYS D 49 -14.75 3.92 17.37
N GLY D 50 -15.93 3.93 16.74
CA GLY D 50 -17.03 4.77 17.19
C GLY D 50 -17.46 4.48 18.60
N ASN D 51 -17.17 3.29 19.11
CA ASN D 51 -17.45 2.95 20.51
C ASN D 51 -16.26 3.25 21.42
N GLY D 52 -15.29 4.03 20.94
CA GLY D 52 -14.19 4.48 21.78
C GLY D 52 -12.94 3.62 21.76
N PHE D 53 -12.89 2.57 20.95
CA PHE D 53 -11.73 1.70 20.87
C PHE D 53 -10.65 2.31 19.98
N ASP D 54 -9.42 1.85 20.21
CA ASP D 54 -8.27 2.21 19.38
C ASP D 54 -8.12 1.16 18.29
N VAL D 55 -8.39 1.55 17.05
CA VAL D 55 -8.41 0.60 15.95
C VAL D 55 -7.02 -0.01 15.73
N LYS D 56 -5.97 0.80 15.87
CA LYS D 56 -4.62 0.31 15.59
C LYS D 56 -4.24 -0.82 16.54
N VAL D 57 -4.48 -0.62 17.84
CA VAL D 57 -4.18 -1.68 18.81
C VAL D 57 -5.06 -2.90 18.57
N LEU D 58 -6.33 -2.68 18.20
CA LEU D 58 -7.20 -3.80 17.89
C LEU D 58 -6.61 -4.66 16.78
N LYS D 59 -6.18 -4.01 15.69
CA LYS D 59 -5.57 -4.73 14.58
C LYS D 59 -4.31 -5.46 15.02
N LYS D 60 -3.54 -4.84 15.93
CA LYS D 60 -2.35 -5.51 16.42
C LYS D 60 -2.72 -6.78 17.20
N VAL D 61 -3.79 -6.71 17.99
CA VAL D 61 -4.23 -7.88 18.75
C VAL D 61 -4.72 -8.98 17.81
N VAL D 62 -5.53 -8.62 16.82
CA VAL D 62 -6.01 -9.60 15.85
C VAL D 62 -4.82 -10.27 15.17
N ARG D 63 -3.79 -9.50 14.83
CA ARG D 63 -2.61 -10.08 14.21
C ARG D 63 -1.90 -11.03 15.17
N ILE D 64 -1.79 -10.64 16.45
CA ILE D 64 -1.10 -11.47 17.43
C ILE D 64 -1.84 -12.79 17.64
N ARG D 65 -3.17 -12.73 17.76
CA ARG D 65 -3.97 -13.95 17.87
C ARG D 65 -3.82 -14.83 16.64
N LYS D 66 -3.75 -14.21 15.46
CA LYS D 66 -3.52 -14.99 14.25
C LYS D 66 -2.19 -15.71 14.31
N GLN D 67 -1.15 -15.02 14.79
CA GLN D 67 0.16 -15.64 14.91
C GLN D 67 0.12 -16.79 15.90
N ASP D 68 -0.59 -16.61 17.02
CA ASP D 68 -0.73 -17.69 17.98
C ASP D 68 -1.44 -18.88 17.37
N ARG D 69 -2.49 -18.62 16.58
CA ARG D 69 -3.21 -19.70 15.92
C ARG D 69 -2.30 -20.49 15.00
N ALA D 70 -1.44 -19.79 14.24
CA ALA D 70 -0.47 -20.49 13.41
C ALA D 70 0.47 -21.34 14.26
N LYS D 71 0.96 -20.79 15.38
CA LYS D 71 1.88 -21.53 16.24
C LYS D 71 1.23 -22.80 16.78
N ARG D 72 0.02 -22.66 17.32
CA ARG D 72 -0.68 -23.80 17.88
C ARG D 72 -1.02 -24.83 16.82
N GLN D 73 -1.38 -24.41 15.62
CA GLN D 73 -1.68 -25.42 14.61
C GLN D 73 -0.43 -26.20 14.21
N GLU D 74 0.72 -25.54 14.11
CA GLU D 74 1.95 -26.27 13.83
C GLU D 74 2.29 -27.26 14.95
N GLU D 75 2.18 -26.80 16.20
CA GLU D 75 2.46 -27.67 17.33
C GLU D 75 1.45 -28.83 17.42
N ASP D 76 0.19 -28.57 17.07
CA ASP D 76 -0.81 -29.62 17.02
C ASP D 76 -0.50 -30.65 15.95
N ALA D 77 0.09 -30.22 14.84
CA ALA D 77 0.49 -31.21 13.84
C ALA D 77 1.60 -32.11 14.38
N ILE D 78 2.58 -31.52 15.06
CA ILE D 78 3.61 -32.35 15.69
C ILE D 78 2.98 -33.29 16.71
N LEU D 79 2.03 -32.78 17.48
CA LEU D 79 1.28 -33.59 18.42
C LEU D 79 0.67 -34.78 17.71
N ASP D 80 0.08 -34.55 16.53
CA ASP D 80 -0.50 -35.64 15.74
C ASP D 80 0.55 -36.67 15.35
N LEU D 81 1.77 -36.23 15.07
CA LEU D 81 2.83 -37.22 14.79
C LEU D 81 3.05 -38.13 15.99
N TYR D 82 3.12 -37.55 17.19
CA TYR D 82 3.27 -38.39 18.38
C TYR D 82 2.07 -39.32 18.56
N LEU D 83 0.86 -38.78 18.42
CA LEU D 83 -0.34 -39.59 18.62
C LEU D 83 -0.44 -40.74 17.63
N SER D 84 -0.05 -40.49 16.37
CA SER D 84 -0.07 -41.55 15.38
C SER D 84 0.95 -42.62 15.71
N ALA D 85 2.17 -42.24 16.09
CA ALA D 85 3.17 -43.24 16.43
C ALA D 85 2.73 -44.08 17.62
N ILE D 86 2.13 -43.43 18.62
CA ILE D 86 1.58 -44.17 19.76
C ILE D 86 0.50 -45.13 19.28
N GLY D 87 -0.37 -44.67 18.38
CA GLY D 87 -1.41 -45.55 17.84
C GLY D 87 -0.82 -46.78 17.17
N GLU D 88 0.32 -46.61 16.48
CA GLU D 88 0.99 -47.74 15.86
C GLU D 88 1.50 -48.71 16.92
N ILE D 89 2.06 -48.16 18.01
CA ILE D 89 2.48 -49.01 19.11
C ILE D 89 1.28 -49.75 19.70
N LEU D 90 0.11 -49.11 19.69
CA LEU D 90 -1.09 -49.73 20.26
C LEU D 90 -1.57 -50.88 19.40
N GLU D 91 -1.56 -50.69 18.08
CA GLU D 91 -1.92 -51.80 17.20
C GLU D 91 -0.92 -52.94 17.36
N HIS D 92 0.36 -52.62 17.52
CA HIS D 92 1.34 -53.67 17.83
C HIS D 92 1.00 -54.38 19.13
N HIS D 93 0.61 -53.62 20.16
CA HIS D 93 0.32 -54.22 21.46
C HIS D 93 -0.89 -55.14 21.40
N HIS D 94 -1.94 -54.73 20.69
CA HIS D 94 -3.15 -55.53 20.56
C HIS D 94 -2.93 -56.83 19.81
N HIS D 95 -1.67 -57.21 19.55
CA HIS D 95 -1.33 -58.49 18.94
C HIS D 95 -0.71 -59.47 19.93
N HIS D 96 -0.01 -58.98 20.95
CA HIS D 96 0.66 -59.85 21.91
C HIS D 96 -0.33 -60.53 22.85
#